data_2GR2
#
_entry.id   2GR2
#
_cell.length_a   98.683
_cell.length_b   98.683
_cell.length_c   172.572
_cell.angle_alpha   90.00
_cell.angle_beta   90.00
_cell.angle_gamma   120.00
#
_symmetry.space_group_name_H-M   'P 61 2 2'
#
loop_
_entity.id
_entity.type
_entity.pdbx_description
1 polymer 'ferredoxin reductase'
2 non-polymer 'FLAVIN-ADENINE DINUCLEOTIDE'
3 non-polymer ADENOSINE-5-DIPHOSPHORIBOSE
4 water water
#
_entity_poly.entity_id   1
_entity_poly.type   'polypeptide(L)'
_entity_poly.pdbx_seq_one_letter_code
;MSQEALKAPVVVLGAGLASVSFVAELRQAGYQGLITVVGDEAERPYDRPPLSKDFMAHGDAEKIRLDCKRAPEVEWLLGV
TAQSFDPQAHTVALSDGRTLPYGTLVLATGAAPRALPTLQGATMPVHTLRTLEDARRIQAGLRPQSRLLIVGGGVIGLEL
AATARTAGVHVSLVETQPRLMSRAAPATLADFVARYHAAQGVDLRFERSVTGSVDGVVLLDDGTRIAADMVVVGIGVLAN
DALARAAGLACDDGIFVDAYGRTTCPDVYALGDVTRQRNPLSGRFERIETWSNAQNQGIAVARHLVDPTAPGYAELPWYW
SDQGALRIQVAGLASGDEEIVRGEVSLDAPKFTLIELQKGRIVGATCVNNARDFAPLRRLLAVGAKPDRAALADPATDLR
KLAAAVAA
;
_entity_poly.pdbx_strand_id   A
#
loop_
_chem_comp.id
_chem_comp.type
_chem_comp.name
_chem_comp.formula
APR non-polymer ADENOSINE-5-DIPHOSPHORIBOSE 'C15 H23 N5 O14 P2'
FAD non-polymer 'FLAVIN-ADENINE DINUCLEOTIDE' 'C27 H33 N9 O15 P2'
#
# COMPACT_ATOMS: atom_id res chain seq x y z
N LEU A 6 27.41 6.48 -2.87
CA LEU A 6 26.98 7.70 -2.07
C LEU A 6 27.82 8.98 -2.23
N LYS A 7 27.39 9.82 -3.15
CA LYS A 7 27.94 11.14 -3.38
C LYS A 7 26.98 12.19 -2.81
N ALA A 8 27.53 13.18 -2.10
CA ALA A 8 26.73 14.31 -1.58
C ALA A 8 26.65 15.37 -2.66
N PRO A 9 25.65 16.27 -2.64
CA PRO A 9 24.49 16.26 -1.74
C PRO A 9 23.42 15.25 -2.15
N VAL A 10 22.64 14.81 -1.17
CA VAL A 10 21.53 13.88 -1.44
C VAL A 10 20.24 14.69 -1.61
N VAL A 11 19.51 14.42 -2.68
CA VAL A 11 18.18 15.02 -2.87
C VAL A 11 17.15 13.88 -3.01
N VAL A 12 16.07 13.96 -2.24
CA VAL A 12 14.97 12.99 -2.36
C VAL A 12 13.70 13.69 -2.87
N LEU A 13 13.03 13.07 -3.84
CA LEU A 13 11.80 13.61 -4.42
C LEU A 13 10.65 12.77 -3.91
N GLY A 14 9.80 13.43 -3.14
CA GLY A 14 8.71 12.81 -2.38
C GLY A 14 9.03 12.87 -0.90
N ALA A 15 7.99 13.14 -0.09
CA ALA A 15 8.12 13.25 1.36
C ALA A 15 7.13 12.35 2.06
N GLY A 16 6.93 11.15 1.51
CA GLY A 16 6.12 10.12 2.18
C GLY A 16 6.98 9.17 3.02
N LEU A 17 6.40 8.05 3.42
CA LEU A 17 7.08 7.11 4.33
C LEU A 17 8.43 6.61 3.82
N ALA A 18 8.48 6.24 2.52
CA ALA A 18 9.73 5.76 1.94
C ALA A 18 10.83 6.82 2.08
N SER A 19 10.51 8.06 1.72
CA SER A 19 11.46 9.17 1.89
C SER A 19 11.89 9.40 3.35
N VAL A 20 10.92 9.53 4.27
CA VAL A 20 11.29 9.75 5.68
C VAL A 20 12.12 8.55 6.24
N SER A 21 11.71 7.34 5.89
CA SER A 21 12.43 6.17 6.38
C SER A 21 13.89 6.15 5.86
N PHE A 22 14.03 6.49 4.59
CA PHE A 22 15.34 6.54 3.92
C PHE A 22 16.26 7.60 4.55
N VAL A 23 15.77 8.83 4.68
CA VAL A 23 16.63 9.89 5.20
C VAL A 23 16.95 9.69 6.68
N ALA A 24 16.02 9.14 7.45
CA ALA A 24 16.33 8.79 8.86
C ALA A 24 17.43 7.75 8.91
N GLU A 25 17.36 6.77 8.02
CA GLU A 25 18.39 5.74 8.04
C GLU A 25 19.75 6.29 7.59
N LEU A 26 19.75 7.21 6.61
CA LEU A 26 21.01 7.85 6.20
C LEU A 26 21.71 8.47 7.40
N ARG A 27 20.98 9.29 8.16
CA ARG A 27 21.53 9.89 9.38
C ARG A 27 22.00 8.85 10.38
N GLN A 28 21.15 7.86 10.65
CA GLN A 28 21.49 6.90 11.69
C GLN A 28 22.68 6.03 11.30
N ALA A 29 22.85 5.78 10.01
CA ALA A 29 23.99 5.03 9.50
C ALA A 29 25.28 5.87 9.48
N GLY A 30 25.17 7.19 9.64
CA GLY A 30 26.36 8.03 9.84
C GLY A 30 26.68 9.01 8.73
N TYR A 31 25.79 9.13 7.73
CA TYR A 31 26.01 10.09 6.66
C TYR A 31 25.73 11.49 7.20
N GLN A 32 26.68 12.41 7.04
CA GLN A 32 26.58 13.78 7.64
C GLN A 32 26.52 14.90 6.59
N GLY A 33 26.35 14.54 5.31
CA GLY A 33 26.31 15.53 4.23
C GLY A 33 24.91 16.09 4.09
N LEU A 34 24.73 17.01 3.16
CA LEU A 34 23.43 17.64 2.97
C LEU A 34 22.39 16.64 2.55
N ILE A 35 21.18 16.83 3.05
CA ILE A 35 20.00 16.09 2.57
C ILE A 35 18.90 17.11 2.38
N THR A 36 18.32 17.12 1.18
CA THR A 36 17.16 17.96 0.90
C THR A 36 16.01 17.09 0.37
N VAL A 37 14.81 17.29 0.91
CA VAL A 37 13.62 16.51 0.53
C VAL A 37 12.62 17.48 -0.12
N VAL A 38 12.12 17.10 -1.30
CA VAL A 38 11.14 17.88 -2.01
C VAL A 38 9.76 17.16 -1.94
N GLY A 39 8.75 17.78 -1.32
CA GLY A 39 7.42 17.14 -1.20
C GLY A 39 6.32 18.05 -1.76
N ASP A 40 5.49 17.52 -2.67
CA ASP A 40 4.54 18.40 -3.35
C ASP A 40 3.36 18.74 -2.49
N GLU A 41 3.06 17.88 -1.55
CA GLU A 41 1.99 18.22 -0.58
C GLU A 41 2.48 19.24 0.45
N ALA A 42 1.71 20.30 0.68
CA ALA A 42 2.00 21.24 1.76
C ALA A 42 1.47 20.71 3.11
N GLU A 43 2.12 19.65 3.61
CA GLU A 43 1.67 18.95 4.82
C GLU A 43 2.87 18.41 5.52
N ARG A 44 2.89 18.55 6.86
CA ARG A 44 3.93 17.87 7.65
C ARG A 44 3.84 16.39 7.24
N PRO A 45 4.97 15.72 6.92
CA PRO A 45 4.90 14.33 6.46
C PRO A 45 4.02 13.43 7.36
N TYR A 46 3.20 12.60 6.74
CA TYR A 46 2.17 11.84 7.44
C TYR A 46 1.99 10.43 6.86
N ASP A 47 1.41 9.54 7.66
CA ASP A 47 1.20 8.16 7.28
C ASP A 47 -0.21 8.04 6.65
N ARG A 48 -0.34 7.18 5.65
CA ARG A 48 -1.59 7.04 4.92
C ARG A 48 -2.52 5.97 5.47
N PRO A 49 -1.99 4.87 6.05
CA PRO A 49 -2.97 3.88 6.52
C PRO A 49 -4.10 4.39 7.41
N PRO A 50 -3.83 5.36 8.35
CA PRO A 50 -4.95 5.84 9.16
C PRO A 50 -6.11 6.50 8.35
N LEU A 51 -5.83 6.94 7.14
CA LEU A 51 -6.79 7.73 6.34
C LEU A 51 -8.10 7.02 6.08
N SER A 52 -8.05 5.70 5.91
CA SER A 52 -9.26 4.91 5.70
C SER A 52 -9.63 4.14 6.95
N LYS A 53 -9.03 4.55 8.07
CA LYS A 53 -9.24 3.83 9.34
C LYS A 53 -9.62 4.86 10.39
N ASP A 54 -8.81 5.01 11.44
CA ASP A 54 -9.21 5.91 12.57
C ASP A 54 -9.32 7.40 12.25
N PHE A 55 -8.49 7.87 11.31
CA PHE A 55 -8.63 9.28 10.90
C PHE A 55 -10.05 9.56 10.38
N MET A 56 -10.56 8.61 9.61
CA MET A 56 -11.85 8.69 8.95
C MET A 56 -12.90 8.83 10.05
N ALA A 57 -12.64 8.18 11.18
CA ALA A 57 -13.48 8.26 12.38
C ALA A 57 -13.26 9.46 13.31
N HIS A 58 -12.03 9.84 13.58
CA HIS A 58 -11.78 10.87 14.60
C HIS A 58 -11.26 12.21 14.06
N GLY A 59 -10.68 12.19 12.86
CA GLY A 59 -10.35 13.39 12.11
C GLY A 59 -9.19 14.24 12.59
N ASP A 60 -8.34 13.71 13.47
CA ASP A 60 -7.23 14.49 14.03
C ASP A 60 -5.93 14.18 13.29
N ALA A 61 -5.51 15.09 12.41
CA ALA A 61 -4.31 14.82 11.60
C ALA A 61 -3.04 14.81 12.47
N GLU A 62 -3.12 15.38 13.68
CA GLU A 62 -1.94 15.44 14.52
C GLU A 62 -1.66 14.08 15.16
N LYS A 63 -2.53 13.10 14.92
CA LYS A 63 -2.26 11.72 15.37
C LYS A 63 -1.61 10.84 14.28
N ILE A 64 -1.45 11.38 13.07
CA ILE A 64 -0.98 10.54 11.94
C ILE A 64 0.34 11.01 11.34
N ARG A 65 1.02 11.96 12.01
CA ARG A 65 2.26 12.51 11.44
C ARG A 65 3.42 11.55 11.62
N LEU A 66 4.32 11.54 10.65
CA LEU A 66 5.52 10.72 10.69
C LEU A 66 6.58 11.39 11.58
N ASP A 67 7.39 10.57 12.21
CA ASP A 67 8.38 11.12 13.10
C ASP A 67 9.65 11.45 12.30
N CYS A 68 9.92 12.73 12.11
CA CYS A 68 11.11 13.15 11.35
C CYS A 68 12.30 13.49 12.26
N LYS A 69 12.20 13.12 13.54
CA LYS A 69 13.24 13.48 14.51
C LYS A 69 14.48 12.61 14.41
N ARG A 70 14.35 11.36 13.93
CA ARG A 70 15.52 10.54 13.63
C ARG A 70 16.18 10.98 12.34
N ALA A 71 15.64 12.03 11.71
CA ALA A 71 16.26 12.62 10.54
C ALA A 71 16.67 14.10 10.76
N PRO A 72 17.66 14.34 11.65
CA PRO A 72 18.11 15.69 11.95
C PRO A 72 18.80 16.32 10.73
N GLU A 73 18.84 17.65 10.69
CA GLU A 73 19.56 18.37 9.63
C GLU A 73 19.07 18.00 8.22
N VAL A 74 17.75 17.94 8.02
CA VAL A 74 17.18 17.71 6.69
C VAL A 74 16.37 18.95 6.34
N GLU A 75 16.53 19.52 5.15
CA GLU A 75 15.64 20.60 4.74
C GLU A 75 14.50 19.97 3.93
N TRP A 76 13.26 20.15 4.43
CA TRP A 76 12.05 19.64 3.76
C TRP A 76 11.41 20.79 3.04
N LEU A 77 11.35 20.71 1.71
CA LEU A 77 10.73 21.76 0.89
C LEU A 77 9.30 21.28 0.64
N LEU A 78 8.38 21.57 1.57
CA LEU A 78 7.00 21.13 1.42
C LEU A 78 6.22 22.06 0.50
N GLY A 79 5.19 21.54 -0.16
CA GLY A 79 4.37 22.34 -1.07
C GLY A 79 5.10 22.66 -2.37
N VAL A 80 6.15 21.89 -2.67
CA VAL A 80 6.98 22.15 -3.87
C VAL A 80 7.00 20.92 -4.75
N THR A 81 6.91 21.15 -6.05
CA THR A 81 6.89 20.02 -7.00
C THR A 81 8.17 19.99 -7.80
N ALA A 82 8.82 18.82 -7.83
CA ALA A 82 9.93 18.61 -8.74
C ALA A 82 9.36 18.41 -10.14
N GLN A 83 9.79 19.24 -11.10
CA GLN A 83 9.16 19.25 -12.42
C GLN A 83 9.98 18.38 -13.41
N SER A 84 11.27 18.29 -13.17
CA SER A 84 12.14 17.46 -14.03
C SER A 84 13.48 17.33 -13.33
N PHE A 85 14.29 16.40 -13.80
CA PHE A 85 15.70 16.39 -13.43
C PHE A 85 16.58 16.16 -14.65
N ASP A 86 17.79 16.68 -14.61
CA ASP A 86 18.76 16.49 -15.69
C ASP A 86 19.87 15.61 -15.14
N PRO A 87 19.89 14.34 -15.54
CA PRO A 87 20.85 13.42 -14.93
C PRO A 87 22.28 13.60 -15.45
N GLN A 88 22.46 14.43 -16.47
CA GLN A 88 23.82 14.76 -16.92
C GLN A 88 24.36 15.90 -16.07
N ALA A 89 23.58 16.98 -16.00
CA ALA A 89 23.92 18.15 -15.19
C ALA A 89 23.82 17.89 -13.68
N HIS A 90 23.17 16.80 -13.28
CA HIS A 90 22.92 16.44 -11.87
C HIS A 90 22.19 17.57 -11.13
N THR A 91 21.03 17.93 -11.68
CA THR A 91 20.17 18.99 -11.12
C THR A 91 18.72 18.60 -11.20
N VAL A 92 17.94 19.24 -10.34
CA VAL A 92 16.48 19.06 -10.26
C VAL A 92 15.82 20.44 -10.37
N ALA A 93 14.87 20.57 -11.29
CA ALA A 93 14.15 21.82 -11.46
C ALA A 93 12.88 21.80 -10.60
N LEU A 94 12.68 22.86 -9.80
CA LEU A 94 11.52 22.94 -8.88
C LEU A 94 10.41 23.89 -9.39
N SER A 95 9.17 23.62 -8.98
CA SER A 95 8.02 24.48 -9.32
C SER A 95 8.12 25.91 -8.82
N ASP A 96 8.93 26.17 -7.80
CA ASP A 96 9.07 27.56 -7.31
C ASP A 96 10.18 28.32 -8.01
N GLY A 97 10.74 27.70 -9.04
CA GLY A 97 11.76 28.32 -9.88
C GLY A 97 13.19 28.12 -9.43
N ARG A 98 13.39 27.41 -8.32
CA ARG A 98 14.76 27.08 -7.87
C ARG A 98 15.27 25.77 -8.52
N THR A 99 16.58 25.58 -8.50
CA THR A 99 17.20 24.36 -8.97
C THR A 99 18.03 23.78 -7.86
N LEU A 100 17.97 22.46 -7.67
CA LEU A 100 18.85 21.81 -6.70
C LEU A 100 19.90 20.97 -7.41
N PRO A 101 21.16 21.07 -6.97
CA PRO A 101 22.21 20.15 -7.38
C PRO A 101 22.12 18.86 -6.59
N TYR A 102 22.55 17.75 -7.18
CA TYR A 102 22.65 16.50 -6.44
C TYR A 102 23.88 15.71 -6.78
N GLY A 103 24.38 14.98 -5.79
CA GLY A 103 25.34 13.89 -5.98
C GLY A 103 24.60 12.58 -6.16
N THR A 104 23.60 12.36 -5.31
CA THR A 104 22.72 11.19 -5.39
C THR A 104 21.27 11.65 -5.38
N LEU A 105 20.48 11.16 -6.32
CA LEU A 105 19.04 11.51 -6.40
C LEU A 105 18.24 10.28 -6.09
N VAL A 106 17.20 10.45 -5.27
CA VAL A 106 16.34 9.33 -4.86
C VAL A 106 14.90 9.68 -5.21
N LEU A 107 14.30 8.83 -6.03
CA LEU A 107 12.91 9.05 -6.47
C LEU A 107 11.98 8.22 -5.58
N ALA A 108 11.18 8.91 -4.77
CA ALA A 108 10.34 8.23 -3.79
C ALA A 108 8.95 8.90 -3.90
N THR A 109 8.42 8.95 -5.13
CA THR A 109 7.25 9.78 -5.46
C THR A 109 5.89 8.99 -5.37
N GLY A 110 5.94 7.72 -4.98
CA GLY A 110 4.69 7.04 -4.70
C GLY A 110 3.86 6.71 -5.93
N ALA A 111 2.55 6.60 -5.71
CA ALA A 111 1.63 6.21 -6.75
C ALA A 111 0.34 7.02 -6.56
N ALA A 112 -0.46 7.11 -7.61
CA ALA A 112 -1.68 7.88 -7.57
C ALA A 112 -2.87 6.95 -7.87
N PRO A 113 -4.06 7.22 -7.28
CA PRO A 113 -5.25 6.43 -7.61
C PRO A 113 -5.56 6.49 -9.10
N ARG A 114 -5.86 5.33 -9.69
CA ARG A 114 -6.37 5.27 -11.05
C ARG A 114 -7.76 5.91 -11.11
N ALA A 115 -7.98 6.76 -12.11
CA ALA A 115 -9.33 7.26 -12.40
C ALA A 115 -10.18 6.24 -13.17
N LEU A 116 -11.50 6.43 -13.08
CA LEU A 116 -12.46 5.60 -13.81
C LEU A 116 -12.90 6.36 -15.05
N PRO A 117 -12.50 5.85 -16.24
CA PRO A 117 -12.75 6.58 -17.47
C PRO A 117 -14.25 6.84 -17.70
N THR A 118 -15.09 5.88 -17.29
CA THR A 118 -16.54 5.97 -17.55
C THR A 118 -17.25 7.02 -16.68
N LEU A 119 -16.57 7.53 -15.65
CA LEU A 119 -17.15 8.61 -14.82
C LEU A 119 -16.44 9.95 -15.01
N GLN A 120 -15.62 10.05 -16.06
CA GLN A 120 -14.82 11.28 -16.22
C GLN A 120 -15.68 12.52 -16.46
N GLY A 121 -16.78 12.36 -17.19
CA GLY A 121 -17.73 13.47 -17.35
C GLY A 121 -18.87 13.55 -16.33
N ALA A 122 -18.75 12.82 -15.21
CA ALA A 122 -19.83 12.78 -14.18
C ALA A 122 -20.21 14.17 -13.65
N THR A 123 -21.49 14.35 -13.34
CA THR A 123 -22.04 15.57 -12.71
C THR A 123 -22.54 15.28 -11.28
N MET A 124 -21.82 14.40 -10.58
CA MET A 124 -22.11 14.04 -9.20
C MET A 124 -20.72 13.92 -8.52
N PRO A 125 -20.64 14.00 -7.18
CA PRO A 125 -19.30 13.87 -6.57
C PRO A 125 -18.68 12.49 -6.81
N VAL A 126 -17.43 12.50 -7.27
CA VAL A 126 -16.69 11.26 -7.49
C VAL A 126 -15.32 11.53 -6.91
N HIS A 127 -14.92 10.77 -5.89
CA HIS A 127 -13.63 11.02 -5.23
C HIS A 127 -12.73 9.81 -5.28
N THR A 128 -11.43 10.03 -5.15
CA THR A 128 -10.53 8.93 -4.85
C THR A 128 -9.89 9.20 -3.48
N LEU A 129 -9.18 8.23 -2.91
CA LEU A 129 -8.66 8.35 -1.55
C LEU A 129 -7.16 7.99 -1.52
N ARG A 130 -6.31 9.00 -1.45
CA ARG A 130 -4.88 8.78 -1.31
C ARG A 130 -4.28 9.76 -0.30
N THR A 131 -4.74 11.01 -0.32
CA THR A 131 -4.10 12.07 0.50
C THR A 131 -4.98 12.48 1.69
N LEU A 132 -4.39 13.24 2.59
CA LEU A 132 -5.10 13.85 3.70
C LEU A 132 -6.24 14.74 3.20
N GLU A 133 -5.95 15.53 2.16
CA GLU A 133 -6.96 16.38 1.49
C GLU A 133 -8.14 15.50 1.00
N ASP A 134 -7.81 14.40 0.34
CA ASP A 134 -8.84 13.44 -0.13
C ASP A 134 -9.69 12.93 1.03
N ALA A 135 -9.04 12.54 2.13
CA ALA A 135 -9.74 11.90 3.26
C ALA A 135 -10.67 12.92 3.91
N ARG A 136 -10.18 14.13 4.09
CA ARG A 136 -11.00 15.22 4.62
C ARG A 136 -12.24 15.45 3.72
N ARG A 137 -12.06 15.42 2.41
CA ARG A 137 -13.14 15.70 1.44
C ARG A 137 -14.23 14.60 1.51
N ILE A 138 -13.78 13.36 1.61
CA ILE A 138 -14.66 12.19 1.70
C ILE A 138 -15.40 12.15 3.03
N GLN A 139 -14.65 12.34 4.11
CA GLN A 139 -15.23 12.30 5.44
C GLN A 139 -16.36 13.33 5.54
N ALA A 140 -16.18 14.50 4.93
CA ALA A 140 -17.21 15.56 5.00
C ALA A 140 -18.51 15.15 4.33
N GLY A 141 -18.42 14.17 3.43
CA GLY A 141 -19.58 13.68 2.69
C GLY A 141 -20.24 12.44 3.26
N LEU A 142 -19.67 11.90 4.34
CA LEU A 142 -20.20 10.71 4.99
C LEU A 142 -21.35 11.08 5.93
N ARG A 143 -22.38 11.69 5.35
CA ARG A 143 -23.59 12.06 6.07
C ARG A 143 -24.40 10.78 6.40
N PRO A 144 -24.73 10.56 7.69
CA PRO A 144 -25.60 9.42 8.06
C PRO A 144 -26.89 9.35 7.23
N GLN A 145 -27.27 8.13 6.89
CA GLN A 145 -28.38 7.86 5.99
C GLN A 145 -28.20 8.33 4.53
N SER A 146 -27.03 8.88 4.18
CA SER A 146 -26.72 9.10 2.74
C SER A 146 -26.34 7.79 2.04
N ARG A 147 -26.27 7.82 0.71
CA ARG A 147 -25.89 6.63 -0.05
C ARG A 147 -24.52 6.82 -0.68
N LEU A 148 -23.61 5.90 -0.34
CA LEU A 148 -22.29 5.86 -0.94
C LEU A 148 -22.19 4.67 -1.90
N LEU A 149 -21.67 4.92 -3.10
CA LEU A 149 -21.26 3.86 -3.99
C LEU A 149 -19.72 3.79 -4.00
N ILE A 150 -19.19 2.61 -3.75
CA ILE A 150 -17.74 2.44 -3.87
C ILE A 150 -17.47 1.61 -5.12
N VAL A 151 -16.52 2.05 -5.95
CA VAL A 151 -16.13 1.29 -7.12
C VAL A 151 -14.79 0.65 -6.81
N GLY A 152 -14.78 -0.68 -6.70
CA GLY A 152 -13.56 -1.41 -6.40
C GLY A 152 -13.64 -2.12 -5.05
N GLY A 153 -13.40 -3.43 -5.06
CA GLY A 153 -13.51 -4.26 -3.86
C GLY A 153 -12.15 -4.68 -3.36
N GLY A 154 -11.22 -3.72 -3.37
CA GLY A 154 -9.89 -3.88 -2.84
C GLY A 154 -9.80 -3.37 -1.41
N VAL A 155 -8.61 -3.22 -0.89
CA VAL A 155 -8.47 -2.89 0.54
C VAL A 155 -9.04 -1.51 0.88
N ILE A 156 -8.77 -0.49 0.08
CA ILE A 156 -9.24 0.89 0.38
C ILE A 156 -10.76 0.92 0.29
N GLY A 157 -11.32 0.31 -0.73
CA GLY A 157 -12.77 0.26 -0.90
C GLY A 157 -13.46 -0.41 0.28
N LEU A 158 -12.87 -1.53 0.76
CA LEU A 158 -13.49 -2.26 1.87
C LEU A 158 -13.29 -1.59 3.22
N GLU A 159 -12.12 -0.97 3.43
CA GLU A 159 -11.92 -0.20 4.66
C GLU A 159 -12.87 0.99 4.68
N LEU A 160 -13.03 1.66 3.55
CA LEU A 160 -14.03 2.74 3.47
C LEU A 160 -15.45 2.21 3.67
N ALA A 161 -15.75 1.05 3.09
CA ALA A 161 -17.09 0.47 3.26
C ALA A 161 -17.42 0.29 4.75
N ALA A 162 -16.48 -0.31 5.50
CA ALA A 162 -16.66 -0.51 6.94
C ALA A 162 -16.77 0.80 7.73
N THR A 163 -15.91 1.75 7.41
CA THR A 163 -16.00 3.08 8.00
C THR A 163 -17.35 3.75 7.76
N ALA A 164 -17.81 3.69 6.52
CA ALA A 164 -19.07 4.32 6.16
C ALA A 164 -20.24 3.63 6.85
N ARG A 165 -20.25 2.31 6.91
CA ARG A 165 -21.33 1.63 7.65
C ARG A 165 -21.32 2.01 9.11
N THR A 166 -20.14 2.09 9.73
CA THR A 166 -20.03 2.51 11.15
C THR A 166 -20.60 3.91 11.34
N ALA A 167 -20.37 4.76 10.35
CA ALA A 167 -20.89 6.12 10.35
C ALA A 167 -22.41 6.24 10.09
N GLY A 168 -23.09 5.12 9.81
CA GLY A 168 -24.54 5.13 9.47
C GLY A 168 -24.85 5.43 8.00
N VAL A 169 -23.88 5.20 7.13
CA VAL A 169 -24.05 5.44 5.69
C VAL A 169 -24.42 4.14 4.97
N HIS A 170 -25.34 4.22 4.01
CA HIS A 170 -25.73 3.07 3.18
C HIS A 170 -24.62 2.87 2.12
N VAL A 171 -24.14 1.64 1.97
CA VAL A 171 -23.02 1.39 1.04
C VAL A 171 -23.35 0.33 -0.02
N SER A 172 -23.12 0.67 -1.30
CA SER A 172 -23.13 -0.34 -2.36
CA SER A 172 -23.13 -0.32 -2.38
C SER A 172 -21.72 -0.40 -2.95
N LEU A 173 -21.36 -1.53 -3.54
CA LEU A 173 -19.97 -1.71 -3.96
C LEU A 173 -19.95 -2.57 -5.21
N VAL A 174 -19.21 -2.09 -6.21
CA VAL A 174 -19.15 -2.69 -7.53
C VAL A 174 -17.71 -3.16 -7.79
N GLU A 175 -17.59 -4.45 -8.08
CA GLU A 175 -16.30 -5.11 -8.28
C GLU A 175 -16.39 -5.92 -9.58
N THR A 176 -15.43 -5.69 -10.49
CA THR A 176 -15.39 -6.36 -11.79
C THR A 176 -15.06 -7.84 -11.70
N GLN A 177 -14.31 -8.21 -10.67
CA GLN A 177 -13.95 -9.61 -10.49
C GLN A 177 -15.07 -10.38 -9.77
N PRO A 178 -14.98 -11.73 -9.76
CA PRO A 178 -15.99 -12.48 -9.01
C PRO A 178 -15.75 -12.50 -7.50
N ARG A 179 -14.64 -11.89 -7.04
CA ARG A 179 -14.26 -11.88 -5.63
C ARG A 179 -13.63 -10.56 -5.24
N LEU A 180 -13.60 -10.29 -3.93
CA LEU A 180 -12.90 -9.12 -3.37
C LEU A 180 -11.42 -9.40 -3.30
N MET A 181 -10.63 -8.33 -3.16
CA MET A 181 -9.21 -8.42 -2.88
C MET A 181 -8.47 -9.45 -3.75
N SER A 182 -8.76 -9.49 -5.05
CA SER A 182 -8.09 -10.47 -5.94
C SER A 182 -6.57 -10.23 -6.05
N ARG A 183 -6.12 -9.01 -5.79
CA ARG A 183 -4.69 -8.63 -5.96
C ARG A 183 -3.74 -9.37 -5.04
N ALA A 184 -4.05 -9.44 -3.75
CA ALA A 184 -3.05 -9.98 -2.84
C ALA A 184 -3.61 -10.73 -1.64
N ALA A 185 -4.66 -11.54 -1.86
CA ALA A 185 -5.30 -12.25 -0.74
C ALA A 185 -5.73 -13.65 -1.15
N PRO A 186 -5.55 -14.64 -0.27
CA PRO A 186 -6.06 -15.99 -0.56
C PRO A 186 -7.57 -16.00 -0.80
N ALA A 187 -8.04 -16.86 -1.68
CA ALA A 187 -9.48 -16.98 -1.96
C ALA A 187 -10.34 -17.22 -0.68
N THR A 188 -9.86 -18.08 0.21
CA THR A 188 -10.57 -18.38 1.45
C THR A 188 -10.81 -17.10 2.26
N LEU A 189 -9.77 -16.26 2.38
CA LEU A 189 -9.92 -14.94 3.04
C LEU A 189 -10.95 -14.05 2.31
N ALA A 190 -10.84 -13.94 0.99
CA ALA A 190 -11.73 -13.05 0.25
C ALA A 190 -13.20 -13.51 0.34
N ASP A 191 -13.44 -14.83 0.31
CA ASP A 191 -14.82 -15.33 0.46
C ASP A 191 -15.41 -14.92 1.81
N PHE A 192 -14.61 -15.08 2.87
CA PHE A 192 -15.03 -14.74 4.23
C PHE A 192 -15.29 -13.24 4.36
N VAL A 193 -14.36 -12.45 3.85
CA VAL A 193 -14.47 -11.00 3.90
C VAL A 193 -15.75 -10.50 3.24
N ALA A 194 -16.13 -11.11 2.12
CA ALA A 194 -17.41 -10.77 1.47
C ALA A 194 -18.63 -11.13 2.32
N ARG A 195 -18.59 -12.29 2.99
CA ARG A 195 -19.65 -12.69 3.89
C ARG A 195 -19.79 -11.70 5.03
N TYR A 196 -18.66 -11.24 5.55
CA TYR A 196 -18.61 -10.23 6.62
C TYR A 196 -19.25 -8.92 6.21
N HIS A 197 -18.82 -8.37 5.10
CA HIS A 197 -19.35 -7.06 4.66
C HIS A 197 -20.85 -7.11 4.30
N ALA A 198 -21.26 -8.21 3.66
CA ALA A 198 -22.67 -8.44 3.37
C ALA A 198 -23.50 -8.52 4.65
N ALA A 199 -22.99 -9.25 5.66
CA ALA A 199 -23.63 -9.31 6.96
C ALA A 199 -23.75 -7.94 7.65
N GLN A 200 -22.84 -7.03 7.33
CA GLN A 200 -22.86 -5.67 7.90
C GLN A 200 -23.65 -4.69 7.02
N GLY A 201 -24.41 -5.20 6.06
CA GLY A 201 -25.23 -4.31 5.25
C GLY A 201 -24.72 -3.75 3.93
N VAL A 202 -23.47 -4.04 3.56
CA VAL A 202 -22.91 -3.62 2.27
C VAL A 202 -23.56 -4.41 1.12
N ASP A 203 -24.06 -3.67 0.11
CA ASP A 203 -24.69 -4.26 -1.06
C ASP A 203 -23.59 -4.54 -2.07
N LEU A 204 -23.08 -5.77 -2.11
CA LEU A 204 -21.96 -6.15 -3.01
C LEU A 204 -22.43 -6.57 -4.40
N ARG A 205 -21.82 -5.99 -5.43
CA ARG A 205 -22.13 -6.35 -6.82
C ARG A 205 -20.87 -6.88 -7.50
N PHE A 206 -20.80 -8.20 -7.63
CA PHE A 206 -19.65 -8.84 -8.28
C PHE A 206 -19.85 -9.01 -9.77
N GLU A 207 -18.72 -9.09 -10.49
CA GLU A 207 -18.71 -9.21 -11.93
C GLU A 207 -19.56 -8.14 -12.61
N ARG A 208 -19.50 -6.93 -12.05
CA ARG A 208 -20.09 -5.72 -12.64
C ARG A 208 -19.05 -4.60 -12.82
N SER A 209 -19.33 -3.70 -13.77
CA SER A 209 -18.50 -2.54 -14.10
C SER A 209 -19.42 -1.34 -14.22
N VAL A 210 -18.89 -0.16 -13.96
CA VAL A 210 -19.61 1.08 -14.25
C VAL A 210 -19.45 1.52 -15.70
N THR A 211 -20.56 1.76 -16.40
CA THR A 211 -20.53 2.15 -17.81
C THR A 211 -20.73 3.65 -18.01
N GLY A 212 -21.19 4.34 -16.96
CA GLY A 212 -21.43 5.79 -17.04
C GLY A 212 -22.23 6.29 -15.86
N SER A 213 -22.76 7.51 -15.99
CA SER A 213 -23.64 8.08 -14.97
C SER A 213 -24.51 9.17 -15.57
N VAL A 214 -25.73 9.33 -15.07
CA VAL A 214 -26.61 10.43 -15.54
C VAL A 214 -27.39 10.99 -14.36
N ASP A 215 -27.40 12.31 -14.21
CA ASP A 215 -28.21 13.01 -13.18
C ASP A 215 -28.22 12.35 -11.79
N GLY A 216 -27.04 12.04 -11.27
CA GLY A 216 -26.92 11.48 -9.89
C GLY A 216 -27.05 9.97 -9.77
N VAL A 217 -27.05 9.29 -10.90
CA VAL A 217 -27.27 7.86 -10.90
C VAL A 217 -26.19 7.20 -11.73
N VAL A 218 -25.58 6.18 -11.14
CA VAL A 218 -24.52 5.44 -11.80
C VAL A 218 -25.06 4.27 -12.63
N LEU A 219 -24.51 4.08 -13.83
CA LEU A 219 -24.99 3.03 -14.75
C LEU A 219 -24.00 1.86 -14.77
N LEU A 220 -24.54 0.64 -14.85
CA LEU A 220 -23.77 -0.59 -14.79
C LEU A 220 -23.84 -1.40 -16.09
N ASP A 221 -22.86 -2.30 -16.28
CA ASP A 221 -22.82 -3.07 -17.53
C ASP A 221 -23.83 -4.20 -17.68
N ASP A 222 -24.66 -4.42 -16.66
CA ASP A 222 -25.76 -5.34 -16.84
C ASP A 222 -27.03 -4.59 -17.24
N GLY A 223 -26.86 -3.32 -17.60
CA GLY A 223 -27.97 -2.47 -18.00
C GLY A 223 -28.80 -1.96 -16.83
N THR A 224 -28.24 -1.97 -15.63
CA THR A 224 -28.98 -1.47 -14.44
C THR A 224 -28.38 -0.20 -13.85
N ARG A 225 -28.94 0.22 -12.71
CA ARG A 225 -28.67 1.57 -12.18
C ARG A 225 -28.41 1.45 -10.69
N ILE A 226 -27.59 2.36 -10.16
CA ILE A 226 -27.42 2.55 -8.73
C ILE A 226 -27.39 4.04 -8.39
N ALA A 227 -28.36 4.51 -7.61
CA ALA A 227 -28.36 5.92 -7.19
C ALA A 227 -27.44 6.12 -5.99
N ALA A 228 -26.66 7.20 -6.00
CA ALA A 228 -25.74 7.44 -4.88
C ALA A 228 -25.58 8.93 -4.69
N ASP A 229 -25.26 9.35 -3.48
CA ASP A 229 -24.96 10.76 -3.22
C ASP A 229 -23.50 11.09 -3.51
N MET A 230 -22.64 10.06 -3.43
CA MET A 230 -21.21 10.26 -3.57
C MET A 230 -20.67 8.94 -4.08
N VAL A 231 -19.63 9.00 -4.93
CA VAL A 231 -18.93 7.84 -5.48
C VAL A 231 -17.48 7.92 -4.97
N VAL A 232 -16.97 6.83 -4.40
CA VAL A 232 -15.51 6.75 -4.16
C VAL A 232 -14.91 5.64 -5.02
N VAL A 233 -13.88 5.99 -5.80
CA VAL A 233 -13.26 5.07 -6.73
C VAL A 233 -11.96 4.56 -6.15
N GLY A 234 -11.88 3.24 -5.99
CA GLY A 234 -10.68 2.60 -5.47
C GLY A 234 -10.41 1.37 -6.30
N ILE A 235 -9.84 1.62 -7.47
CA ILE A 235 -9.66 0.60 -8.46
C ILE A 235 -8.17 0.39 -8.73
N GLY A 236 -7.34 0.77 -7.76
CA GLY A 236 -5.91 0.55 -7.88
C GLY A 236 -5.17 1.86 -8.09
N VAL A 237 -3.85 1.77 -8.21
CA VAL A 237 -3.00 2.94 -8.32
C VAL A 237 -2.09 2.83 -9.56
N LEU A 238 -1.49 3.96 -9.93
CA LEU A 238 -0.51 4.03 -11.03
C LEU A 238 0.73 4.71 -10.50
N ALA A 239 1.92 4.16 -10.78
CA ALA A 239 3.14 4.74 -10.23
C ALA A 239 3.32 6.19 -10.71
N ASN A 240 3.83 7.04 -9.82
CA ASN A 240 4.18 8.42 -10.15
C ASN A 240 5.59 8.47 -10.72
N ASP A 241 5.73 7.92 -11.93
CA ASP A 241 7.09 7.71 -12.51
C ASP A 241 7.36 8.66 -13.68
N ALA A 242 6.58 9.76 -13.78
CA ALA A 242 6.73 10.62 -14.95
C ALA A 242 8.12 11.29 -15.08
N LEU A 243 8.71 11.70 -13.95
CA LEU A 243 10.05 12.34 -14.03
C LEU A 243 11.10 11.34 -14.50
N ALA A 244 11.01 10.11 -14.03
CA ALA A 244 11.91 9.07 -14.44
C ALA A 244 11.74 8.74 -15.94
N ARG A 245 10.49 8.65 -16.40
CA ARG A 245 10.21 8.39 -17.83
C ARG A 245 10.83 9.45 -18.71
N ALA A 246 10.61 10.70 -18.30
CA ALA A 246 11.12 11.86 -19.04
C ALA A 246 12.65 11.92 -19.09
N ALA A 247 13.29 11.42 -18.05
CA ALA A 247 14.74 11.50 -17.93
C ALA A 247 15.46 10.30 -18.54
N GLY A 248 14.68 9.31 -19.00
CA GLY A 248 15.22 8.24 -19.80
C GLY A 248 15.48 6.96 -18.99
N LEU A 249 14.90 6.87 -17.78
CA LEU A 249 15.05 5.64 -16.94
C LEU A 249 14.11 4.54 -17.40
N ALA A 250 14.46 3.27 -17.16
CA ALA A 250 13.56 2.17 -17.49
C ALA A 250 12.38 2.18 -16.54
N CYS A 251 11.17 2.25 -17.10
CA CYS A 251 9.97 2.22 -16.27
CA CYS A 251 9.91 2.33 -16.31
C CYS A 251 8.79 1.68 -17.05
N ASP A 252 7.85 1.10 -16.32
CA ASP A 252 6.66 0.50 -16.94
C ASP A 252 5.63 0.47 -15.80
N ASP A 253 4.87 1.55 -15.67
CA ASP A 253 4.00 1.71 -14.49
C ASP A 253 4.84 1.43 -13.24
N GLY A 254 5.95 2.18 -13.08
CA GLY A 254 6.85 1.95 -11.96
C GLY A 254 8.27 1.86 -12.43
N ILE A 255 9.16 2.40 -11.61
CA ILE A 255 10.57 2.50 -11.97
C ILE A 255 11.24 1.16 -11.63
N PHE A 256 11.87 0.51 -12.60
CA PHE A 256 12.59 -0.75 -12.29
C PHE A 256 13.80 -0.47 -11.41
N VAL A 257 13.93 -1.22 -10.31
CA VAL A 257 15.11 -1.12 -9.45
C VAL A 257 15.63 -2.50 -9.06
N ASP A 258 16.93 -2.58 -8.81
CA ASP A 258 17.53 -3.79 -8.24
C ASP A 258 17.49 -3.73 -6.69
N ALA A 259 18.12 -4.70 -6.02
CA ALA A 259 18.01 -4.80 -4.54
C ALA A 259 18.81 -3.68 -3.82
N TYR A 260 19.59 -2.91 -4.58
CA TYR A 260 20.26 -1.72 -4.01
C TYR A 260 19.51 -0.45 -4.22
N GLY A 261 18.34 -0.55 -4.84
CA GLY A 261 17.57 0.65 -5.17
C GLY A 261 17.98 1.37 -6.44
N ARG A 262 18.93 0.80 -7.18
CA ARG A 262 19.44 1.47 -8.39
C ARG A 262 18.46 1.41 -9.56
N THR A 263 18.25 2.57 -10.18
CA THR A 263 17.58 2.64 -11.47
C THR A 263 18.58 2.39 -12.62
N THR A 264 18.14 2.49 -13.87
CA THR A 264 19.09 2.28 -14.98
C THR A 264 19.94 3.50 -15.21
N CYS A 265 19.64 4.60 -14.49
CA CYS A 265 20.40 5.85 -14.61
C CYS A 265 21.41 5.99 -13.47
N PRO A 266 22.74 6.07 -13.78
CA PRO A 266 23.75 6.32 -12.75
C PRO A 266 23.40 7.47 -11.80
N ASP A 267 23.62 7.21 -10.51
CA ASP A 267 23.41 8.17 -9.40
C ASP A 267 21.95 8.45 -9.07
N VAL A 268 21.04 7.70 -9.70
CA VAL A 268 19.61 7.85 -9.42
C VAL A 268 19.07 6.53 -8.90
N TYR A 269 18.40 6.63 -7.76
CA TYR A 269 17.81 5.51 -7.03
C TYR A 269 16.32 5.71 -6.94
N ALA A 270 15.58 4.67 -6.55
CA ALA A 270 14.11 4.82 -6.31
C ALA A 270 13.64 3.86 -5.21
N LEU A 271 12.56 4.22 -4.53
CA LEU A 271 12.09 3.56 -3.30
C LEU A 271 10.58 3.59 -3.26
N GLY A 272 9.99 2.57 -2.65
CA GLY A 272 8.57 2.62 -2.21
C GLY A 272 7.58 2.30 -3.33
N ASP A 273 6.40 2.89 -3.24
CA ASP A 273 5.30 2.53 -4.17
C ASP A 273 5.68 2.78 -5.64
N VAL A 274 6.58 3.74 -5.89
CA VAL A 274 6.93 4.07 -7.29
C VAL A 274 7.78 2.96 -7.97
N THR A 275 8.30 2.01 -7.19
CA THR A 275 9.26 1.05 -7.79
C THR A 275 8.59 -0.22 -8.28
N ARG A 276 9.22 -0.87 -9.27
CA ARG A 276 8.91 -2.23 -9.66
C ARG A 276 10.18 -3.01 -9.30
N GLN A 277 10.04 -4.09 -8.52
CA GLN A 277 11.17 -4.77 -7.87
C GLN A 277 10.94 -6.26 -7.76
N ARG A 278 12.02 -7.00 -7.51
CA ARG A 278 11.91 -8.47 -7.39
C ARG A 278 11.22 -8.89 -6.08
N ASN A 279 10.16 -9.68 -6.22
CA ASN A 279 9.51 -10.30 -5.08
C ASN A 279 10.31 -11.61 -4.92
N PRO A 280 11.07 -11.79 -3.82
CA PRO A 280 11.86 -13.01 -3.67
CA PRO A 280 11.87 -13.01 -3.59
C PRO A 280 11.07 -14.32 -3.67
N LEU A 281 9.81 -14.28 -3.23
CA LEU A 281 8.98 -15.50 -3.21
C LEU A 281 8.46 -15.95 -4.57
N SER A 282 8.06 -15.00 -5.43
CA SER A 282 7.63 -15.37 -6.78
C SER A 282 8.81 -15.38 -7.77
N GLY A 283 9.88 -14.68 -7.42
CA GLY A 283 11.01 -14.45 -8.32
C GLY A 283 10.69 -13.54 -9.49
N ARG A 284 9.54 -12.85 -9.42
CA ARG A 284 9.13 -11.94 -10.51
C ARG A 284 9.18 -10.50 -10.04
N PHE A 285 9.29 -9.58 -11.00
CA PHE A 285 9.22 -8.15 -10.71
C PHE A 285 7.76 -7.76 -10.58
N GLU A 286 7.48 -6.95 -9.57
CA GLU A 286 6.13 -6.54 -9.17
C GLU A 286 6.21 -5.15 -8.56
N ARG A 287 5.12 -4.40 -8.58
CA ARG A 287 5.06 -3.23 -7.70
C ARG A 287 4.58 -3.74 -6.35
N ILE A 288 5.32 -3.44 -5.30
CA ILE A 288 4.93 -3.85 -3.97
C ILE A 288 4.41 -2.61 -3.26
N GLU A 289 3.10 -2.56 -3.03
CA GLU A 289 2.41 -1.32 -2.68
C GLU A 289 2.06 -1.30 -1.22
N THR A 290 3.04 -1.58 -0.35
CA THR A 290 2.78 -1.75 1.08
C THR A 290 3.54 -0.72 1.91
N TRP A 291 2.99 -0.45 3.09
CA TRP A 291 3.63 0.33 4.13
C TRP A 291 4.97 -0.31 4.52
N SER A 292 5.01 -1.62 4.73
CA SER A 292 6.23 -2.24 5.22
C SER A 292 7.31 -2.18 4.12
N ASN A 293 6.91 -2.28 2.85
CA ASN A 293 7.91 -2.11 1.78
C ASN A 293 8.50 -0.69 1.79
N ALA A 294 7.65 0.33 1.91
CA ALA A 294 8.14 1.73 1.85
C ALA A 294 9.16 1.93 2.95
N GLN A 295 8.83 1.47 4.16
CA GLN A 295 9.77 1.62 5.27
C GLN A 295 11.04 0.77 5.10
N ASN A 296 10.86 -0.53 4.85
CA ASN A 296 11.96 -1.45 4.91
C ASN A 296 12.87 -1.27 3.69
N GLN A 297 12.26 -0.96 2.54
CA GLN A 297 13.10 -0.76 1.32
C GLN A 297 13.86 0.56 1.47
N GLY A 298 13.20 1.57 2.03
CA GLY A 298 13.91 2.86 2.28
C GLY A 298 15.11 2.65 3.18
N ILE A 299 14.91 1.87 4.22
CA ILE A 299 15.96 1.61 5.20
C ILE A 299 17.12 0.84 4.56
N ALA A 300 16.80 -0.23 3.82
CA ALA A 300 17.84 -1.08 3.21
C ALA A 300 18.67 -0.34 2.20
N VAL A 301 18.02 0.52 1.41
CA VAL A 301 18.73 1.24 0.34
C VAL A 301 19.67 2.29 0.94
N ALA A 302 19.18 3.02 1.95
CA ALA A 302 20.02 3.97 2.68
C ALA A 302 21.20 3.28 3.34
N ARG A 303 20.95 2.18 4.04
CA ARG A 303 22.00 1.42 4.75
C ARG A 303 23.13 1.01 3.82
N HIS A 304 22.76 0.46 2.65
CA HIS A 304 23.72 0.01 1.65
C HIS A 304 24.48 1.14 0.95
N LEU A 305 23.83 2.29 0.80
CA LEU A 305 24.50 3.50 0.29
C LEU A 305 25.59 4.01 1.21
N VAL A 306 25.30 4.02 2.50
CA VAL A 306 26.30 4.45 3.50
C VAL A 306 27.37 3.35 3.70
N ASP A 307 26.93 2.09 3.73
CA ASP A 307 27.83 0.97 3.91
C ASP A 307 27.64 -0.06 2.79
N PRO A 308 28.41 0.07 1.71
CA PRO A 308 28.24 -0.83 0.57
C PRO A 308 28.52 -2.31 0.87
N THR A 309 29.04 -2.63 2.06
CA THR A 309 29.20 -4.05 2.42
C THR A 309 27.87 -4.67 2.88
N ALA A 310 26.89 -3.82 3.20
CA ALA A 310 25.58 -4.27 3.68
C ALA A 310 24.82 -5.00 2.56
N PRO A 311 23.94 -5.95 2.91
CA PRO A 311 23.23 -6.68 1.85
C PRO A 311 22.17 -5.82 1.20
N GLY A 312 21.71 -6.21 0.02
CA GLY A 312 20.63 -5.46 -0.63
C GLY A 312 19.33 -5.73 0.10
N TYR A 313 18.26 -5.07 -0.32
CA TYR A 313 16.92 -5.29 0.22
C TYR A 313 16.51 -6.76 0.08
N ALA A 314 16.00 -7.38 1.15
CA ALA A 314 15.79 -8.84 1.15
C ALA A 314 14.49 -9.27 1.83
N GLU A 315 13.76 -8.29 2.36
CA GLU A 315 12.56 -8.58 3.16
C GLU A 315 11.45 -9.14 2.28
N LEU A 316 10.62 -9.99 2.88
CA LEU A 316 9.51 -10.57 2.13
C LEU A 316 8.25 -9.75 2.41
N PRO A 317 7.32 -9.73 1.44
CA PRO A 317 6.22 -8.78 1.53
C PRO A 317 5.15 -9.16 2.54
N TRP A 318 4.45 -8.16 3.08
CA TRP A 318 3.29 -8.40 3.98
C TRP A 318 2.55 -7.08 4.11
N TYR A 319 1.27 -7.17 4.46
CA TYR A 319 0.50 -5.97 4.78
C TYR A 319 -0.58 -6.35 5.78
N TRP A 320 -1.40 -5.36 6.16
CA TRP A 320 -2.56 -5.62 7.02
C TRP A 320 -3.67 -4.71 6.50
N SER A 321 -4.91 -4.97 6.95
CA SER A 321 -6.06 -4.16 6.62
C SER A 321 -6.98 -4.28 7.82
N ASP A 322 -7.53 -3.14 8.22
CA ASP A 322 -8.54 -3.07 9.29
C ASP A 322 -9.89 -2.79 8.69
N GLN A 323 -10.78 -3.77 8.73
CA GLN A 323 -12.10 -3.61 8.12
C GLN A 323 -13.13 -3.93 9.20
N GLY A 324 -13.55 -2.89 9.92
CA GLY A 324 -14.49 -3.00 11.04
C GLY A 324 -13.98 -3.96 12.10
N ALA A 325 -14.71 -5.05 12.29
CA ALA A 325 -14.34 -6.09 13.29
C ALA A 325 -13.19 -7.00 12.85
N LEU A 326 -12.76 -6.86 11.59
CA LEU A 326 -11.69 -7.71 11.06
C LEU A 326 -10.34 -7.02 11.07
N ARG A 327 -9.39 -7.58 11.82
CA ARG A 327 -8.00 -7.17 11.77
C ARG A 327 -7.25 -8.24 10.94
N ILE A 328 -7.01 -7.90 9.68
CA ILE A 328 -6.53 -8.87 8.71
C ILE A 328 -5.03 -8.63 8.54
N GLN A 329 -4.23 -9.71 8.58
CA GLN A 329 -2.80 -9.61 8.30
C GLN A 329 -2.42 -10.64 7.24
N VAL A 330 -1.64 -10.26 6.23
CA VAL A 330 -1.35 -11.14 5.07
C VAL A 330 0.13 -11.01 4.73
N ALA A 331 0.83 -12.14 4.69
CA ALA A 331 2.25 -12.20 4.31
C ALA A 331 2.46 -13.17 3.17
N GLY A 332 3.46 -12.86 2.34
CA GLY A 332 3.84 -13.79 1.27
C GLY A 332 2.83 -13.94 0.14
N LEU A 333 2.78 -15.14 -0.43
CA LEU A 333 1.96 -15.40 -1.63
C LEU A 333 0.55 -15.78 -1.18
N ALA A 334 -0.45 -15.43 -2.00
CA ALA A 334 -1.87 -15.74 -1.74
C ALA A 334 -2.19 -17.22 -1.87
N SER A 335 -1.38 -17.95 -2.62
CA SER A 335 -1.65 -19.38 -2.81
C SER A 335 -0.40 -20.17 -3.12
N GLY A 336 -0.49 -21.47 -2.92
CA GLY A 336 0.53 -22.41 -3.35
C GLY A 336 -0.21 -23.63 -3.86
N ASP A 337 0.25 -24.81 -3.46
CA ASP A 337 -0.41 -26.05 -3.85
C ASP A 337 -1.22 -26.63 -2.68
N GLU A 338 -1.18 -25.95 -1.53
CA GLU A 338 -1.90 -26.46 -0.37
C GLU A 338 -2.24 -25.29 0.55
N GLU A 339 -3.44 -25.31 1.12
CA GLU A 339 -3.76 -24.37 2.19
C GLU A 339 -4.14 -25.12 3.46
N ILE A 340 -3.66 -24.61 4.59
CA ILE A 340 -3.96 -25.22 5.87
C ILE A 340 -4.75 -24.18 6.66
N VAL A 341 -5.88 -24.58 7.24
CA VAL A 341 -6.74 -23.64 7.96
C VAL A 341 -6.65 -23.94 9.47
N ARG A 342 -6.12 -23.01 10.26
CA ARG A 342 -6.09 -23.13 11.73
C ARG A 342 -7.24 -22.33 12.33
N GLY A 343 -8.15 -23.05 12.99
CA GLY A 343 -9.33 -22.44 13.56
C GLY A 343 -10.57 -22.58 12.68
N GLU A 344 -11.71 -22.15 13.20
CA GLU A 344 -12.96 -22.12 12.43
C GLU A 344 -13.06 -20.78 11.70
N VAL A 345 -13.50 -20.83 10.45
CA VAL A 345 -13.85 -19.62 9.70
C VAL A 345 -15.34 -19.32 9.95
N SER A 346 -15.63 -18.36 10.83
CA SER A 346 -17.00 -18.13 11.26
C SER A 346 -17.26 -16.65 11.46
N LEU A 347 -18.46 -16.19 11.13
CA LEU A 347 -18.87 -14.81 11.42
C LEU A 347 -19.07 -14.54 12.92
N ASP A 348 -19.22 -15.60 13.72
CA ASP A 348 -19.23 -15.46 15.18
C ASP A 348 -17.81 -15.44 15.73
N ALA A 349 -17.41 -14.30 16.29
CA ALA A 349 -16.06 -14.07 16.82
C ALA A 349 -14.98 -14.60 15.85
N PRO A 350 -14.92 -14.02 14.64
CA PRO A 350 -13.94 -14.43 13.63
C PRO A 350 -12.54 -14.44 14.21
N LYS A 351 -11.87 -15.56 14.03
CA LYS A 351 -10.50 -15.70 14.44
C LYS A 351 -10.00 -16.96 13.73
N PHE A 352 -9.05 -16.79 12.82
CA PHE A 352 -8.43 -17.91 12.15
C PHE A 352 -7.11 -17.53 11.51
N THR A 353 -6.37 -18.55 11.07
CA THR A 353 -5.09 -18.38 10.37
C THR A 353 -5.12 -19.27 9.16
N LEU A 354 -4.57 -18.78 8.05
CA LEU A 354 -4.38 -19.60 6.85
C LEU A 354 -2.89 -19.70 6.60
N ILE A 355 -2.46 -20.87 6.13
CA ILE A 355 -1.06 -21.08 5.79
C ILE A 355 -1.02 -21.65 4.38
N GLU A 356 -0.29 -20.99 3.49
CA GLU A 356 -0.14 -21.47 2.09
C GLU A 356 1.19 -22.17 1.95
N LEU A 357 1.17 -23.38 1.38
CA LEU A 357 2.40 -24.12 1.17
C LEU A 357 2.64 -24.43 -0.30
N GLN A 358 3.91 -24.61 -0.65
CA GLN A 358 4.30 -25.09 -1.97
C GLN A 358 5.28 -26.21 -1.75
N LYS A 359 4.90 -27.42 -2.15
CA LYS A 359 5.69 -28.62 -1.88
C LYS A 359 6.22 -28.69 -0.44
N GLY A 360 5.33 -28.43 0.53
CA GLY A 360 5.69 -28.52 1.93
C GLY A 360 6.31 -27.30 2.62
N ARG A 361 6.74 -26.31 1.82
CA ARG A 361 7.41 -25.10 2.30
C ARG A 361 6.36 -23.99 2.41
N ILE A 362 6.39 -23.26 3.52
CA ILE A 362 5.49 -22.12 3.75
C ILE A 362 5.87 -20.98 2.78
N VAL A 363 4.88 -20.52 2.02
CA VAL A 363 5.07 -19.42 1.04
C VAL A 363 4.15 -18.23 1.35
N GLY A 364 3.23 -18.39 2.30
CA GLY A 364 2.33 -17.30 2.69
C GLY A 364 1.51 -17.66 3.91
N ALA A 365 0.98 -16.64 4.57
CA ALA A 365 0.16 -16.84 5.76
C ALA A 365 -0.84 -15.69 5.90
N THR A 366 -2.00 -15.98 6.51
CA THR A 366 -3.00 -14.97 6.80
C THR A 366 -3.45 -15.13 8.24
N CYS A 367 -3.61 -14.02 8.97
CA CYS A 367 -4.22 -14.07 10.29
C CYS A 367 -5.38 -13.10 10.34
N VAL A 368 -6.53 -13.58 10.81
CA VAL A 368 -7.69 -12.75 11.03
C VAL A 368 -7.94 -12.73 12.53
N ASN A 369 -7.75 -11.57 13.16
CA ASN A 369 -7.94 -11.43 14.62
C ASN A 369 -7.07 -12.44 15.40
N ASN A 370 -5.83 -12.59 14.95
CA ASN A 370 -4.93 -13.61 15.45
C ASN A 370 -3.49 -13.11 15.32
N ALA A 371 -3.23 -11.91 15.84
CA ALA A 371 -1.95 -11.22 15.68
C ALA A 371 -0.75 -12.02 16.24
N ARG A 372 -1.04 -12.78 17.30
CA ARG A 372 -0.04 -13.57 18.02
C ARG A 372 0.65 -14.59 17.13
N ASP A 373 -0.11 -15.16 16.19
CA ASP A 373 0.40 -16.14 15.23
C ASP A 373 1.15 -15.48 14.05
N PHE A 374 0.93 -14.20 13.79
CA PHE A 374 1.44 -13.62 12.53
C PHE A 374 2.98 -13.52 12.53
N ALA A 375 3.58 -13.05 13.63
CA ALA A 375 5.04 -12.91 13.71
C ALA A 375 5.79 -14.24 13.60
N PRO A 376 5.36 -15.28 14.34
CA PRO A 376 5.96 -16.60 14.16
C PRO A 376 5.88 -17.11 12.72
N LEU A 377 4.74 -16.87 12.04
CA LEU A 377 4.56 -17.36 10.67
C LEU A 377 5.44 -16.58 9.69
N ARG A 378 5.61 -15.27 9.91
CA ARG A 378 6.53 -14.47 9.10
C ARG A 378 7.97 -14.95 9.24
N ARG A 379 8.34 -15.42 10.43
CA ARG A 379 9.67 -16.01 10.63
C ARG A 379 9.81 -17.37 9.94
N LEU A 380 8.80 -18.24 10.07
CA LEU A 380 8.80 -19.49 9.33
C LEU A 380 8.86 -19.28 7.81
N LEU A 381 8.14 -18.28 7.34
CA LEU A 381 8.11 -17.91 5.91
C LEU A 381 9.48 -17.45 5.40
N ALA A 382 10.13 -16.59 6.18
CA ALA A 382 11.44 -16.01 5.87
C ALA A 382 12.52 -17.04 5.60
N VAL A 383 12.50 -18.14 6.35
CA VAL A 383 13.50 -19.20 6.20
C VAL A 383 13.01 -20.31 5.27
N GLY A 384 11.79 -20.16 4.74
CA GLY A 384 11.18 -21.21 3.93
C GLY A 384 11.10 -22.53 4.69
N ALA A 385 10.56 -22.46 5.92
CA ALA A 385 10.38 -23.65 6.77
C ALA A 385 9.50 -24.68 6.09
N LYS A 386 9.71 -25.95 6.44
CA LYS A 386 8.89 -27.04 5.93
C LYS A 386 8.35 -27.81 7.12
N PRO A 387 7.43 -27.20 7.90
CA PRO A 387 7.00 -27.84 9.13
C PRO A 387 6.09 -29.04 8.90
N ASP A 388 5.83 -29.79 9.97
CA ASP A 388 4.95 -30.95 9.90
C ASP A 388 3.53 -30.43 9.64
N ARG A 389 2.94 -30.82 8.51
CA ARG A 389 1.63 -30.32 8.07
C ARG A 389 0.52 -30.71 9.05
N ALA A 390 0.61 -31.92 9.59
CA ALA A 390 -0.32 -32.39 10.62
C ALA A 390 -0.25 -31.49 11.84
N ALA A 391 0.98 -31.10 12.20
CA ALA A 391 1.24 -30.17 13.31
C ALA A 391 0.72 -28.75 13.06
N LEU A 392 0.90 -28.26 11.83
CA LEU A 392 0.44 -26.92 11.46
C LEU A 392 -1.07 -26.78 11.58
N ALA A 393 -1.78 -27.87 11.32
CA ALA A 393 -3.23 -27.88 11.38
C ALA A 393 -3.71 -28.00 12.83
N ASP A 394 -3.26 -29.07 13.48
CA ASP A 394 -3.50 -29.37 14.91
C ASP A 394 -3.54 -28.12 15.79
N PRO A 395 -4.66 -27.91 16.51
CA PRO A 395 -4.79 -26.68 17.32
C PRO A 395 -3.86 -26.69 18.55
N ALA A 396 -3.41 -27.87 18.98
CA ALA A 396 -2.53 -28.00 20.14
C ALA A 396 -1.18 -27.29 19.94
N THR A 397 -0.69 -27.33 18.70
CA THR A 397 0.60 -26.72 18.32
C THR A 397 0.61 -25.22 18.57
N ASP A 398 1.65 -24.72 19.22
CA ASP A 398 1.89 -23.26 19.24
C ASP A 398 3.01 -22.89 18.29
N LEU A 399 2.82 -21.80 17.58
CA LEU A 399 3.67 -21.47 16.44
C LEU A 399 4.95 -20.76 16.83
N ARG A 400 4.92 -19.98 17.92
CA ARG A 400 6.10 -19.27 18.42
C ARG A 400 7.26 -20.23 18.68
N LYS A 401 6.96 -21.34 19.37
CA LYS A 401 7.98 -22.35 19.69
C LYS A 401 8.49 -23.03 18.41
N LEU A 402 7.58 -23.27 17.47
CA LEU A 402 7.93 -23.80 16.16
C LEU A 402 8.99 -22.90 15.49
N ALA A 403 8.72 -21.59 15.45
CA ALA A 403 9.64 -20.60 14.87
C ALA A 403 10.99 -20.52 15.57
N ALA A 404 10.96 -20.49 16.90
CA ALA A 404 12.15 -20.39 17.74
C ALA A 404 13.08 -21.60 17.61
N ALA A 405 12.49 -22.75 17.27
CA ALA A 405 13.23 -24.01 17.09
C ALA A 405 14.01 -24.02 15.79
N VAL A 406 13.52 -23.26 14.81
CA VAL A 406 14.17 -23.08 13.52
C VAL A 406 15.42 -22.20 13.69
PA FAD B . 3.75 8.04 -0.91
O1A FAD B . 2.71 8.11 -2.00
O2A FAD B . 3.20 7.87 0.48
O5B FAD B . 4.61 9.40 -0.91
C5B FAD B . 5.04 9.94 -2.15
C4B FAD B . 4.97 11.46 -2.03
O4B FAD B . 5.70 12.01 -3.14
C3B FAD B . 3.53 11.87 -2.15
O3B FAD B . 3.25 12.89 -1.16
C2B FAD B . 3.48 12.43 -3.56
O2B FAD B . 2.47 13.42 -3.79
C1B FAD B . 4.88 13.04 -3.65
N9A FAD B . 5.26 13.37 -5.06
C8A FAD B . 4.88 12.71 -6.20
N7A FAD B . 5.45 13.34 -7.27
C5A FAD B . 6.17 14.41 -6.79
C6A FAD B . 6.95 15.40 -7.39
N6A FAD B . 7.17 15.47 -8.70
N1A FAD B . 7.56 16.34 -6.59
C2A FAD B . 7.39 16.33 -5.22
N3A FAD B . 6.65 15.33 -4.62
C4A FAD B . 6.07 14.39 -5.40
N1 FAD B . -0.33 -0.21 3.33
C2 FAD B . -0.29 -1.25 4.25
O2 FAD B . 0.63 -2.11 4.25
N3 FAD B . -1.28 -1.35 5.20
C4 FAD B . -2.35 -0.47 5.24
O4 FAD B . -3.18 -0.62 6.15
C4X FAD B . -2.44 0.53 4.25
N5 FAD B . -3.61 1.36 4.15
C5X FAD B . -3.55 2.44 3.22
C6 FAD B . -4.70 3.22 3.17
C7 FAD B . -4.74 4.33 2.30
C7M FAD B . -5.99 5.18 2.27
C8 FAD B . -3.64 4.61 1.48
C8M FAD B . -3.67 5.78 0.54
C9 FAD B . -2.52 3.82 1.53
C9A FAD B . -2.47 2.72 2.39
N10 FAD B . -1.34 1.81 2.46
C10 FAD B . -1.35 0.70 3.36
C1' FAD B . -0.21 1.91 1.45
C2' FAD B . 0.94 2.70 2.08
O2' FAD B . 0.43 3.88 2.70
C3' FAD B . 1.91 3.06 0.95
O3' FAD B . 2.49 1.82 0.57
C4' FAD B . 2.95 4.10 1.33
O4' FAD B . 2.26 5.35 1.41
C5' FAD B . 3.98 4.20 0.19
O5' FAD B . 4.88 5.20 0.62
P FAD B . 5.76 6.00 -0.42
O1P FAD B . 6.73 6.88 0.31
O2P FAD B . 6.41 5.07 -1.39
O3P FAD B . 4.75 6.89 -1.33
N1 APR C . -14.48 -1.38 -11.64
C2 APR C . -14.66 -2.04 -10.48
N3 APR C . -13.64 -2.65 -9.86
C4 APR C . -12.39 -2.56 -10.41
C5 APR C . -12.16 -1.88 -11.60
C6 APR C . -13.24 -1.28 -12.23
N6 APR C . -13.03 -0.61 -13.39
N7 APR C . -10.84 -1.97 -11.90
C8 APR C . -10.26 -2.71 -10.91
N9 APR C . -11.22 -3.06 -10.02
C1' APR C . -11.10 -3.81 -8.76
C2' APR C . -10.04 -4.87 -8.73
O2' APR C . -10.54 -6.13 -9.19
C3' APR C . -9.64 -4.86 -7.25
O3' APR C . -10.40 -5.84 -6.51
O4' APR C . -10.72 -2.83 -7.79
C4' APR C . -9.97 -3.44 -6.75
C5' APR C . -8.74 -2.56 -6.49
O5' APR C . -8.05 -3.13 -5.38
PA APR C . -6.57 -2.67 -4.92
O1A APR C . -6.35 -3.18 -3.49
O2A APR C . -5.66 -2.99 -6.08
O3A APR C . -6.67 -1.05 -5.00
PB APR C . -7.18 0.09 -3.97
O1B APR C . -8.09 -0.54 -2.96
O2B APR C . -7.60 1.31 -4.80
O5D APR C . -5.84 0.45 -3.19
C5D APR C . -4.67 0.88 -3.91
O4D APR C . -3.58 1.49 -1.81
O1D APR C . -2.19 0.49 -0.19
C1D APR C . -3.55 0.66 -0.64
O2D APR C . -3.53 -1.79 -0.29
C2D APR C . -4.02 -0.69 -1.09
O3D APR C . -2.20 -1.40 -2.47
C3D APR C . -3.49 -0.79 -2.50
C4D APR C . -3.47 0.66 -2.99
#